data_3I43
#
_entry.id   3I43
#
_cell.length_a   38.830
_cell.length_b   64.000
_cell.length_c   137.950
_cell.angle_alpha   90.00
_cell.angle_beta   90.00
_cell.angle_gamma   90.00
#
_symmetry.space_group_name_H-M   'P 21 21 21'
#
loop_
_entity.id
_entity.type
_entity.pdbx_description
1 polymer 'Thiol peroxidase'
2 non-polymer 'CITRIC ACID'
3 water water
#
_entity_poly.entity_id   1
_entity_poly.type   'polypeptide(L)'
_entity_poly.pdbx_seq_one_letter_code
;SQTVHFQGNPVTVANSIPQAGSKAQTFTLVAKDLSDVTLGQFAGKRKVLNIFPSIDTGVCAASVRKFNQLATEIDNTVVL
CISADLPFAQSRFCGAEGLNNVITLSTFRNAEFLQAYGVAIADGPLKGLAARAVVVIDENDNVIFSQLVDEITTEPDYEA
ALAVLKA
;
_entity_poly.pdbx_strand_id   A,B
#
loop_
_chem_comp.id
_chem_comp.type
_chem_comp.name
_chem_comp.formula
CIT non-polymer 'CITRIC ACID' 'C6 H8 O7'
#
# COMPACT_ATOMS: atom_id res chain seq x y z
N SER A 1 -20.80 -8.56 9.35
CA SER A 1 -20.20 -7.60 8.35
C SER A 1 -21.23 -6.55 8.05
N GLN A 2 -20.83 -5.57 7.26
CA GLN A 2 -21.65 -4.46 6.81
C GLN A 2 -21.65 -4.36 5.32
N THR A 3 -22.61 -3.63 4.75
CA THR A 3 -22.71 -3.44 3.29
C THR A 3 -22.75 -1.95 3.01
N VAL A 4 -21.83 -1.50 2.15
CA VAL A 4 -21.89 -0.19 1.53
C VAL A 4 -21.92 -0.37 0.03
N HIS A 5 -21.66 0.71 -0.69
CA HIS A 5 -21.74 0.70 -2.14
C HIS A 5 -20.60 1.42 -2.79
N PHE A 6 -20.21 0.92 -3.96
CA PHE A 6 -19.19 1.57 -4.76
C PHE A 6 -19.72 1.69 -6.19
N GLN A 7 -19.90 2.95 -6.63
CA GLN A 7 -20.68 3.34 -7.81
C GLN A 7 -21.97 2.52 -7.89
N GLY A 8 -22.65 2.38 -6.75
CA GLY A 8 -23.94 1.66 -6.68
C GLY A 8 -23.90 0.12 -6.51
N ASN A 9 -22.75 -0.50 -6.65
CA ASN A 9 -22.61 -1.95 -6.50
C ASN A 9 -22.31 -2.24 -5.01
N PRO A 10 -22.89 -3.31 -4.41
CA PRO A 10 -22.70 -3.59 -2.97
C PRO A 10 -21.29 -4.08 -2.65
N VAL A 11 -20.79 -3.65 -1.49
CA VAL A 11 -19.44 -3.89 -1.07
C VAL A 11 -19.53 -4.36 0.36
N THR A 12 -18.93 -5.48 0.67
CA THR A 12 -18.86 -6.01 2.05
C THR A 12 -17.74 -5.34 2.80
N VAL A 13 -18.05 -4.91 4.02
CA VAL A 13 -17.08 -4.31 4.95
C VAL A 13 -17.04 -5.14 6.20
N ALA A 14 -15.83 -5.55 6.62
CA ALA A 14 -15.71 -6.53 7.71
C ALA A 14 -16.17 -6.00 9.04
N ASN A 15 -16.71 -6.91 9.89
CA ASN A 15 -16.98 -6.63 11.30
C ASN A 15 -18.03 -5.47 11.45
N SER A 16 -17.82 -4.56 12.41
CA SER A 16 -18.76 -3.42 12.63
C SER A 16 -17.98 -2.19 13.04
N ILE A 17 -18.23 -1.08 12.38
CA ILE A 17 -17.61 0.22 12.78
C ILE A 17 -18.03 0.48 14.24
N PRO A 18 -17.14 1.09 15.04
CA PRO A 18 -17.53 1.41 16.42
C PRO A 18 -18.60 2.47 16.39
N GLN A 19 -19.58 2.28 17.25
CA GLN A 19 -20.76 3.16 17.32
C GLN A 19 -20.51 4.23 18.38
N ALA A 20 -21.28 5.32 18.37
CA ALA A 20 -21.22 6.23 19.50
C ALA A 20 -21.56 5.43 20.79
N GLY A 21 -20.73 5.62 21.81
CA GLY A 21 -20.71 4.78 22.99
C GLY A 21 -19.69 3.70 23.15
N SER A 22 -19.04 3.31 22.06
CA SER A 22 -18.01 2.31 21.99
C SER A 22 -16.76 2.88 22.61
N LYS A 23 -15.90 1.95 23.08
CA LYS A 23 -14.56 2.26 23.51
C LYS A 23 -13.62 2.24 22.31
N ALA A 24 -12.92 3.34 22.08
CA ALA A 24 -11.88 3.34 21.05
C ALA A 24 -10.72 2.43 21.38
N GLN A 25 -10.51 1.44 20.51
CA GLN A 25 -9.33 0.56 20.57
C GLN A 25 -8.00 1.26 20.20
N THR A 26 -6.93 0.94 20.92
CA THR A 26 -5.62 1.46 20.55
C THR A 26 -5.26 0.99 19.13
N PHE A 27 -4.43 1.74 18.47
CA PHE A 27 -3.91 1.31 17.14
C PHE A 27 -2.55 1.89 16.93
N THR A 28 -1.82 1.34 15.94
CA THR A 28 -0.56 1.91 15.49
C THR A 28 -0.63 2.02 13.97
N LEU A 29 -0.24 3.19 13.48
CA LEU A 29 -0.20 3.43 12.01
C LEU A 29 1.13 4.06 11.67
N VAL A 30 1.35 4.33 10.40
CA VAL A 30 2.70 4.82 9.95
C VAL A 30 2.61 6.18 9.31
N ALA A 31 3.46 7.11 9.77
CA ALA A 31 3.56 8.46 9.31
C ALA A 31 4.43 8.63 8.07
N LYS A 32 4.42 9.82 7.49
CA LYS A 32 5.19 10.13 6.29
C LYS A 32 6.68 9.85 6.34
N ASP A 33 7.27 9.84 7.54
CA ASP A 33 8.70 9.54 7.69
C ASP A 33 8.95 8.11 8.11
N LEU A 34 7.94 7.25 7.98
CA LEU A 34 8.01 5.80 8.25
C LEU A 34 8.08 5.46 9.71
N SER A 35 7.88 6.47 10.56
CA SER A 35 7.79 6.25 11.99
C SER A 35 6.40 5.74 12.39
N ASP A 36 6.36 4.99 13.47
CA ASP A 36 5.10 4.48 14.08
C ASP A 36 4.39 5.55 14.92
N VAL A 37 3.08 5.69 14.73
CA VAL A 37 2.24 6.67 15.48
C VAL A 37 1.12 5.88 16.17
N THR A 38 0.86 6.11 17.46
CA THR A 38 -0.20 5.38 18.17
C THR A 38 -1.29 6.34 18.61
N LEU A 39 -2.45 5.76 18.88
CA LEU A 39 -3.56 6.54 19.41
C LEU A 39 -3.14 7.26 20.69
N GLY A 40 -2.36 6.57 21.53
CA GLY A 40 -1.94 7.12 22.84
C GLY A 40 -1.10 8.37 22.75
N GLN A 41 -0.44 8.61 21.63
CA GLN A 41 0.27 9.86 21.40
C GLN A 41 -0.60 11.10 21.32
N PHE A 42 -1.89 10.91 21.10
CA PHE A 42 -2.82 12.03 21.11
C PHE A 42 -3.61 12.10 22.41
N ALA A 43 -3.09 11.51 23.49
CA ALA A 43 -3.83 11.56 24.79
C ALA A 43 -4.23 12.98 25.14
N GLY A 44 -5.46 13.13 25.60
CA GLY A 44 -5.93 14.43 26.04
C GLY A 44 -6.60 15.25 25.00
N LYS A 45 -6.45 14.85 23.73
CA LYS A 45 -7.05 15.55 22.63
C LYS A 45 -8.30 14.80 22.18
N ARG A 46 -9.13 15.45 21.36
CA ARG A 46 -10.17 14.76 20.56
C ARG A 46 -9.51 14.44 19.20
N LYS A 47 -9.82 13.26 18.69
CA LYS A 47 -9.22 12.77 17.43
C LYS A 47 -10.31 12.47 16.42
N VAL A 48 -10.15 12.92 15.18
CA VAL A 48 -11.09 12.55 14.13
C VAL A 48 -10.31 11.59 13.22
N LEU A 49 -10.84 10.40 13.03
CA LEU A 49 -10.24 9.45 12.08
C LEU A 49 -11.02 9.67 10.80
N ASN A 50 -10.34 10.12 9.77
CA ASN A 50 -10.95 10.47 8.49
C ASN A 50 -10.40 9.44 7.50
N ILE A 51 -11.19 8.45 7.22
CA ILE A 51 -10.71 7.17 6.64
C ILE A 51 -11.12 7.04 5.20
N PHE A 52 -10.14 6.78 4.32
CA PHE A 52 -10.39 6.85 2.87
C PHE A 52 -9.93 5.53 2.19
N PRO A 53 -10.67 5.09 1.16
CA PRO A 53 -10.13 4.07 0.25
C PRO A 53 -8.78 4.41 -0.39
N SER A 54 -8.64 5.64 -0.79
CA SER A 54 -7.33 6.17 -1.14
C SER A 54 -7.35 7.67 -1.09
N ILE A 55 -6.22 8.22 -0.71
CA ILE A 55 -6.00 9.69 -0.81
C ILE A 55 -5.05 10.03 -1.98
N ASP A 56 -4.89 9.08 -2.89
CA ASP A 56 -4.05 9.24 -4.12
C ASP A 56 -4.81 8.92 -5.40
N THR A 57 -5.99 9.49 -5.52
CA THR A 57 -6.90 9.16 -6.64
C THR A 57 -6.68 10.08 -7.87
N GLY A 58 -5.77 11.05 -7.77
CA GLY A 58 -5.56 12.07 -8.80
C GLY A 58 -6.57 13.21 -8.87
N VAL A 59 -7.51 13.21 -7.95
CA VAL A 59 -8.56 14.25 -7.85
C VAL A 59 -8.72 14.64 -6.39
N CYS A 60 -8.61 15.92 -6.10
CA CYS A 60 -8.75 16.42 -4.72
C CYS A 60 -10.06 17.18 -4.67
N ALA A 61 -11.08 16.57 -4.08
CA ALA A 61 -12.34 17.28 -3.90
C ALA A 61 -12.14 18.39 -2.85
N ALA A 62 -12.73 19.55 -3.07
CA ALA A 62 -12.54 20.69 -2.14
C ALA A 62 -13.14 20.45 -0.72
N SER A 63 -14.21 19.67 -0.65
CA SER A 63 -14.85 19.24 0.61
C SER A 63 -13.93 18.52 1.60
N VAL A 64 -12.89 17.87 1.11
CA VAL A 64 -11.97 17.15 1.94
C VAL A 64 -11.14 18.06 2.78
N ARG A 65 -10.46 19.00 2.12
CA ARG A 65 -9.61 19.98 2.87
C ARG A 65 -10.44 20.90 3.73
N LYS A 66 -11.61 21.30 3.24
CA LYS A 66 -12.51 22.17 3.99
C LYS A 66 -12.87 21.59 5.39
N PHE A 67 -13.26 20.32 5.39
CA PHE A 67 -13.56 19.66 6.66
C PHE A 67 -12.36 19.64 7.55
N ASN A 68 -11.20 19.24 6.99
CA ASN A 68 -10.00 19.14 7.82
C ASN A 68 -9.65 20.48 8.48
N GLN A 69 -9.86 21.56 7.76
CA GLN A 69 -9.50 22.89 8.27
C GLN A 69 -10.53 23.29 9.33
N LEU A 70 -11.82 23.07 9.06
CA LEU A 70 -12.85 23.45 10.01
C LEU A 70 -12.73 22.68 11.29
N ALA A 71 -12.46 21.38 11.15
CA ALA A 71 -12.28 20.55 12.34
C ALA A 71 -11.13 20.99 13.24
N THR A 72 -10.00 21.34 12.63
CA THR A 72 -8.80 21.69 13.38
C THR A 72 -8.85 23.16 13.84
N GLU A 73 -9.83 23.92 13.37
CA GLU A 73 -10.14 25.26 13.93
C GLU A 73 -10.86 25.16 15.28
N ILE A 74 -11.34 23.96 15.63
CA ILE A 74 -11.92 23.66 16.95
C ILE A 74 -10.76 23.35 17.85
N ASP A 75 -10.73 24.00 19.02
CA ASP A 75 -9.67 23.73 19.99
C ASP A 75 -9.49 22.22 20.37
N ASN A 76 -8.26 21.81 20.56
CA ASN A 76 -7.90 20.55 21.11
C ASN A 76 -8.40 19.35 20.24
N THR A 77 -8.27 19.47 18.92
CA THR A 77 -8.77 18.49 17.91
C THR A 77 -7.60 18.18 16.94
N VAL A 78 -7.37 16.90 16.64
CA VAL A 78 -6.44 16.48 15.61
C VAL A 78 -7.26 15.67 14.61
N VAL A 79 -6.88 15.69 13.34
CA VAL A 79 -7.55 14.94 12.28
C VAL A 79 -6.47 14.00 11.72
N LEU A 80 -6.77 12.70 11.74
CA LEU A 80 -5.88 11.66 11.24
C LEU A 80 -6.53 11.16 9.92
N CYS A 81 -5.87 11.47 8.80
CA CYS A 81 -6.35 11.09 7.47
C CYS A 81 -5.67 9.76 7.13
N ILE A 82 -6.47 8.68 7.10
CA ILE A 82 -5.98 7.32 7.18
C ILE A 82 -6.36 6.59 5.89
N SER A 83 -5.41 5.85 5.30
CA SER A 83 -5.70 5.05 4.12
C SER A 83 -4.61 3.95 3.99
N ALA A 84 -4.84 3.04 3.09
CA ALA A 84 -3.89 1.98 2.73
C ALA A 84 -2.77 2.46 1.79
N ASP A 85 -2.85 3.65 1.23
CA ASP A 85 -1.74 4.18 0.40
C ASP A 85 -0.47 4.13 1.20
N LEU A 86 0.66 3.85 0.56
CA LEU A 86 1.94 3.97 1.26
C LEU A 86 2.26 5.47 1.60
N PRO A 87 3.11 5.68 2.62
CA PRO A 87 3.52 7.02 2.96
C PRO A 87 4.09 7.79 1.77
N PHE A 88 4.79 7.11 0.84
CA PHE A 88 5.25 7.75 -0.40
C PHE A 88 4.17 8.45 -1.23
N ALA A 89 2.95 7.91 -1.26
CA ALA A 89 1.89 8.35 -2.11
C ALA A 89 1.12 9.44 -1.38
N GLN A 90 1.16 9.41 -0.06
CA GLN A 90 0.25 10.28 0.75
C GLN A 90 0.69 11.78 0.64
N SER A 91 1.90 11.98 0.14
CA SER A 91 2.33 13.31 -0.28
C SER A 91 1.54 14.05 -1.37
N ARG A 92 0.77 13.34 -2.19
CA ARG A 92 -0.05 13.90 -3.27
C ARG A 92 -1.49 14.30 -2.81
N PHE A 93 -1.79 14.00 -1.56
CA PHE A 93 -3.08 14.43 -0.90
C PHE A 93 -3.08 15.95 -0.81
N CYS A 94 -4.23 16.55 -1.10
CA CYS A 94 -4.42 17.98 -0.99
C CYS A 94 -4.93 18.41 0.36
N GLY A 95 -5.37 17.51 1.22
CA GLY A 95 -6.07 17.99 2.41
C GLY A 95 -5.35 18.18 3.72
N ALA A 96 -4.03 17.95 3.77
CA ALA A 96 -3.29 18.05 5.02
C ALA A 96 -2.19 19.11 5.01
N GLU A 97 -1.59 19.34 3.84
CA GLU A 97 -0.45 20.26 3.73
C GLU A 97 -0.80 21.66 4.21
N GLY A 98 0.04 22.19 5.09
CA GLY A 98 -0.18 23.54 5.56
C GLY A 98 -1.26 23.67 6.61
N LEU A 99 -1.81 22.54 7.07
CA LEU A 99 -2.84 22.56 8.15
C LEU A 99 -2.19 21.86 9.31
N ASN A 100 -1.98 22.65 10.35
CA ASN A 100 -1.55 22.09 11.59
C ASN A 100 -2.66 21.21 12.17
N ASN A 101 -2.17 20.21 12.84
CA ASN A 101 -3.02 19.16 13.44
C ASN A 101 -3.81 18.26 12.47
N VAL A 102 -3.40 18.25 11.19
CA VAL A 102 -3.91 17.30 10.21
C VAL A 102 -2.74 16.49 9.70
N ILE A 103 -2.83 15.19 9.91
CA ILE A 103 -1.73 14.26 9.81
C ILE A 103 -2.20 13.10 8.88
N THR A 104 -1.34 12.67 7.95
CA THR A 104 -1.69 11.49 7.14
C THR A 104 -1.02 10.27 7.73
N LEU A 105 -1.71 9.14 7.73
CA LEU A 105 -1.26 7.92 8.32
C LEU A 105 -1.63 6.76 7.39
N SER A 106 -0.70 5.82 7.26
CA SER A 106 -0.90 4.62 6.42
C SER A 106 -1.08 3.34 7.22
N THR A 107 -1.93 2.49 6.69
CA THR A 107 -2.20 1.15 7.22
C THR A 107 -1.36 0.01 6.65
N PHE A 108 -0.34 0.32 5.85
CA PHE A 108 0.26 -0.70 4.97
C PHE A 108 0.96 -1.84 5.73
N ARG A 109 1.37 -1.60 6.97
CA ARG A 109 1.92 -2.69 7.78
C ARG A 109 1.15 -2.86 9.11
N ASN A 110 -0.10 -2.38 9.11
CA ASN A 110 -0.98 -2.44 10.27
C ASN A 110 -2.41 -2.72 9.81
N ALA A 111 -2.57 -3.79 9.03
CA ALA A 111 -3.88 -4.14 8.47
C ALA A 111 -4.89 -4.46 9.55
N GLU A 112 -4.42 -4.87 10.73
CA GLU A 112 -5.32 -5.10 11.85
C GLU A 112 -6.20 -3.90 12.23
N PHE A 113 -5.72 -2.69 11.91
CA PHE A 113 -6.47 -1.47 12.27
C PHE A 113 -7.83 -1.53 11.55
N LEU A 114 -7.80 -1.87 10.27
CA LEU A 114 -9.01 -1.81 9.45
C LEU A 114 -10.03 -2.86 9.92
N GLN A 115 -9.52 -4.00 10.39
CA GLN A 115 -10.37 -5.01 11.01
C GLN A 115 -10.96 -4.55 12.29
N ALA A 116 -10.15 -4.02 13.21
CA ALA A 116 -10.57 -3.63 14.51
C ALA A 116 -11.59 -2.49 14.45
N TYR A 117 -11.43 -1.59 13.48
CA TYR A 117 -12.36 -0.47 13.29
C TYR A 117 -13.52 -0.69 12.29
N GLY A 118 -13.67 -1.91 11.78
CA GLY A 118 -14.84 -2.27 11.02
C GLY A 118 -14.90 -1.52 9.70
N VAL A 119 -13.71 -1.29 9.11
CA VAL A 119 -13.62 -0.49 7.88
C VAL A 119 -12.91 -1.22 6.71
N ALA A 120 -12.59 -2.48 6.90
CA ALA A 120 -11.84 -3.27 5.87
C ALA A 120 -12.75 -3.77 4.80
N ILE A 121 -12.57 -3.28 3.56
CA ILE A 121 -13.32 -3.80 2.43
C ILE A 121 -12.92 -5.25 2.20
N ALA A 122 -13.93 -6.15 2.18
CA ALA A 122 -13.66 -7.60 2.22
C ALA A 122 -13.84 -8.29 0.89
N ASP A 123 -14.50 -7.61 -0.04
CA ASP A 123 -14.77 -8.18 -1.37
C ASP A 123 -14.72 -7.18 -2.47
N GLY A 124 -14.78 -7.70 -3.72
CA GLY A 124 -14.77 -6.81 -4.84
C GLY A 124 -13.34 -6.28 -5.18
N PRO A 125 -13.25 -5.42 -6.19
CA PRO A 125 -11.93 -4.93 -6.61
C PRO A 125 -11.21 -4.06 -5.56
N LEU A 126 -11.98 -3.46 -4.65
CA LEU A 126 -11.44 -2.65 -3.55
C LEU A 126 -11.04 -3.43 -2.30
N LYS A 127 -11.14 -4.77 -2.32
CA LYS A 127 -10.71 -5.60 -1.18
C LYS A 127 -9.31 -5.19 -0.73
N GLY A 128 -9.15 -5.02 0.58
CA GLY A 128 -7.86 -4.60 1.15
C GLY A 128 -7.74 -3.06 1.38
N LEU A 129 -8.59 -2.28 0.78
CA LEU A 129 -8.66 -0.81 1.02
C LEU A 129 -9.62 -0.59 2.21
N ALA A 130 -9.50 0.55 2.83
CA ALA A 130 -10.53 1.05 3.76
C ALA A 130 -11.77 1.55 3.08
N ALA A 131 -12.93 1.29 3.71
CA ALA A 131 -14.11 1.99 3.34
C ALA A 131 -13.98 3.49 3.72
N ARG A 132 -14.88 4.31 3.19
CA ARG A 132 -14.96 5.72 3.55
C ARG A 132 -15.67 5.81 4.92
N ALA A 133 -15.06 6.47 5.91
CA ALA A 133 -15.68 6.50 7.20
C ALA A 133 -15.12 7.68 7.97
N VAL A 134 -15.89 8.17 8.93
CA VAL A 134 -15.43 9.14 9.89
C VAL A 134 -15.74 8.59 11.30
N VAL A 135 -14.75 8.66 12.18
CA VAL A 135 -14.87 8.18 13.60
C VAL A 135 -14.31 9.28 14.51
N VAL A 136 -15.10 9.84 15.42
CA VAL A 136 -14.64 10.92 16.29
C VAL A 136 -14.44 10.33 17.67
N ILE A 137 -13.23 10.45 18.22
CA ILE A 137 -12.89 9.89 19.50
C ILE A 137 -12.61 11.04 20.51
N ASP A 138 -13.15 10.97 21.74
CA ASP A 138 -12.97 12.11 22.64
C ASP A 138 -11.77 11.94 23.57
N GLU A 139 -11.62 12.82 24.57
CA GLU A 139 -10.50 12.75 25.49
C GLU A 139 -10.43 11.54 26.45
N ASN A 140 -11.56 10.86 26.66
CA ASN A 140 -11.66 9.65 27.43
C ASN A 140 -11.47 8.39 26.53
N ASP A 141 -11.12 8.63 25.25
CA ASP A 141 -11.04 7.56 24.25
C ASP A 141 -12.35 6.81 24.04
N ASN A 142 -13.46 7.53 24.18
CA ASN A 142 -14.76 7.04 23.78
C ASN A 142 -15.07 7.53 22.39
N VAL A 143 -15.76 6.66 21.65
CA VAL A 143 -16.28 7.09 20.37
C VAL A 143 -17.56 7.88 20.59
N ILE A 144 -17.56 9.08 20.03
CA ILE A 144 -18.73 9.94 20.15
C ILE A 144 -19.48 10.21 18.88
N PHE A 145 -18.93 9.85 17.73
CA PHE A 145 -19.61 9.97 16.42
C PHE A 145 -18.94 8.96 15.51
N SER A 146 -19.73 8.26 14.70
CA SER A 146 -19.13 7.49 13.62
C SER A 146 -20.11 7.37 12.46
N GLN A 147 -19.56 7.26 11.24
CA GLN A 147 -20.37 7.00 10.08
C GLN A 147 -19.55 6.16 9.08
N LEU A 148 -20.17 5.09 8.62
CA LEU A 148 -19.64 4.26 7.55
C LEU A 148 -20.48 4.72 6.34
N VAL A 149 -19.84 5.44 5.46
CA VAL A 149 -20.51 6.17 4.41
C VAL A 149 -21.14 5.19 3.40
N ASP A 150 -22.44 5.36 3.08
CA ASP A 150 -23.15 4.43 2.22
C ASP A 150 -22.59 4.26 0.83
N GLU A 151 -22.14 5.35 0.24
CA GLU A 151 -21.56 5.29 -1.14
C GLU A 151 -20.17 5.86 -1.03
N ILE A 152 -19.18 5.00 -1.31
CA ILE A 152 -17.76 5.28 -0.98
C ILE A 152 -17.15 6.47 -1.68
N THR A 153 -17.78 6.87 -2.77
CA THR A 153 -17.36 8.02 -3.54
C THR A 153 -18.00 9.34 -3.12
N THR A 154 -18.82 9.34 -2.06
CA THR A 154 -19.66 10.49 -1.73
C THR A 154 -19.19 10.97 -0.35
N GLU A 155 -19.58 12.22 -0.01
CA GLU A 155 -19.07 12.83 1.21
C GLU A 155 -19.71 12.23 2.45
N PRO A 156 -18.94 12.06 3.52
CA PRO A 156 -19.55 11.86 4.79
C PRO A 156 -20.37 13.08 5.30
N ASP A 157 -21.07 12.84 6.41
CA ASP A 157 -21.89 13.89 7.07
C ASP A 157 -20.98 14.75 7.93
N TYR A 158 -20.25 15.62 7.25
CA TYR A 158 -19.24 16.37 7.90
C TYR A 158 -19.91 17.34 8.89
N GLU A 159 -21.08 17.85 8.56
CA GLU A 159 -21.80 18.77 9.46
C GLU A 159 -22.07 18.16 10.84
N ALA A 160 -22.51 16.92 10.84
CA ALA A 160 -22.75 16.20 12.09
C ALA A 160 -21.48 15.98 12.90
N ALA A 161 -20.39 15.62 12.23
CA ALA A 161 -19.14 15.43 12.92
C ALA A 161 -18.69 16.74 13.56
N LEU A 162 -18.79 17.82 12.80
CA LEU A 162 -18.30 19.09 13.35
C LEU A 162 -19.15 19.47 14.57
N ALA A 163 -20.43 19.19 14.50
CA ALA A 163 -21.33 19.56 15.63
C ALA A 163 -20.97 18.83 16.90
N VAL A 164 -20.64 17.53 16.81
CA VAL A 164 -20.28 16.72 17.96
C VAL A 164 -18.97 17.23 18.59
N LEU A 165 -18.09 17.81 17.76
CA LEU A 165 -16.81 18.34 18.22
C LEU A 165 -16.91 19.68 18.93
N LYS A 166 -17.93 20.41 18.54
CA LYS A 166 -18.21 21.67 19.23
C LYS A 166 -18.89 21.48 20.56
N ALA A 167 -19.86 20.57 20.62
CA ALA A 167 -20.74 20.38 21.77
C ALA A 167 -20.07 19.49 22.79
N SER B 1 16.13 -16.36 7.68
CA SER B 1 16.16 -14.91 7.34
C SER B 1 17.50 -14.45 6.74
N GLN B 2 17.44 -13.33 6.07
CA GLN B 2 18.54 -12.81 5.29
C GLN B 2 18.80 -11.42 5.83
N THR B 3 19.96 -10.85 5.46
CA THR B 3 20.31 -9.46 5.79
C THR B 3 20.73 -8.68 4.57
N VAL B 4 20.13 -7.52 4.38
CA VAL B 4 20.52 -6.60 3.34
C VAL B 4 20.85 -5.29 4.05
N HIS B 5 21.10 -4.25 3.28
CA HIS B 5 21.45 -2.94 3.83
C HIS B 5 20.67 -1.80 3.21
N PHE B 6 20.36 -0.84 4.09
CA PHE B 6 19.75 0.38 3.63
C PHE B 6 20.45 1.60 4.20
N GLN B 7 20.83 2.56 3.35
CA GLN B 7 21.86 3.54 3.67
C GLN B 7 23.07 2.85 4.34
N GLY B 8 23.56 1.76 3.73
CA GLY B 8 24.55 0.85 4.36
C GLY B 8 24.23 0.30 5.77
N ASN B 9 23.01 0.53 6.27
CA ASN B 9 22.49 0.00 7.57
C ASN B 9 21.73 -1.40 7.40
N PRO B 10 21.87 -2.31 8.35
CA PRO B 10 21.41 -3.71 8.19
C PRO B 10 19.90 -3.85 8.38
N VAL B 11 19.30 -4.68 7.54
CA VAL B 11 17.85 -4.81 7.39
C VAL B 11 17.62 -6.32 7.29
N THR B 12 16.80 -6.85 8.19
CA THR B 12 16.35 -8.23 8.08
C THR B 12 15.23 -8.48 7.07
N VAL B 13 15.40 -9.55 6.30
CA VAL B 13 14.47 -9.93 5.28
C VAL B 13 14.08 -11.36 5.57
N ALA B 14 12.77 -11.57 5.57
CA ALA B 14 12.21 -12.83 5.98
C ALA B 14 12.55 -13.98 5.10
N ASN B 15 12.67 -15.16 5.70
CA ASN B 15 12.81 -16.43 4.92
C ASN B 15 14.00 -16.49 3.96
N SER B 16 13.84 -17.02 2.74
CA SER B 16 14.96 -17.17 1.84
C SER B 16 14.44 -17.03 0.45
N ILE B 17 15.11 -16.19 -0.32
CA ILE B 17 14.76 -16.00 -1.71
C ILE B 17 14.88 -17.35 -2.45
N PRO B 18 13.96 -17.61 -3.38
CA PRO B 18 14.03 -18.91 -4.10
C PRO B 18 15.30 -19.04 -4.88
N GLN B 19 15.80 -20.27 -4.90
CA GLN B 19 17.07 -20.56 -5.52
C GLN B 19 16.87 -21.21 -6.87
N ALA B 20 17.84 -21.00 -7.77
CA ALA B 20 17.74 -21.56 -9.11
C ALA B 20 17.66 -23.07 -8.96
N GLY B 21 16.85 -23.69 -9.81
CA GLY B 21 16.51 -25.11 -9.65
C GLY B 21 15.16 -25.38 -9.03
N SER B 22 14.67 -24.46 -8.18
CA SER B 22 13.49 -24.72 -7.41
C SER B 22 12.26 -24.37 -8.28
N LYS B 23 11.09 -24.83 -7.85
CA LYS B 23 9.85 -24.54 -8.54
C LYS B 23 9.33 -23.21 -7.97
N ALA B 24 8.99 -22.30 -8.84
CA ALA B 24 8.35 -21.04 -8.40
C ALA B 24 6.98 -21.26 -7.71
N GLN B 25 6.77 -20.66 -6.54
CA GLN B 25 5.49 -20.78 -5.81
C GLN B 25 4.43 -19.95 -6.53
N THR B 26 3.19 -20.43 -6.50
CA THR B 26 2.15 -19.68 -7.21
C THR B 26 1.91 -18.38 -6.40
N PHE B 27 1.33 -17.38 -7.06
CA PHE B 27 0.96 -16.11 -6.44
C PHE B 27 -0.18 -15.49 -7.15
N THR B 28 -0.85 -14.61 -6.42
CA THR B 28 -1.81 -13.68 -6.94
C THR B 28 -1.37 -12.26 -6.51
N LEU B 29 -1.34 -11.36 -7.48
CA LEU B 29 -1.08 -9.94 -7.22
C LEU B 29 -2.09 -9.06 -7.94
N VAL B 30 -2.02 -7.74 -7.77
CA VAL B 30 -3.05 -6.88 -8.31
C VAL B 30 -2.49 -5.93 -9.37
N ALA B 31 -3.18 -5.89 -10.50
CA ALA B 31 -2.85 -5.05 -11.62
C ALA B 31 -3.36 -3.60 -11.49
N LYS B 32 -2.91 -2.72 -12.39
CA LYS B 32 -3.24 -1.33 -12.25
C LYS B 32 -4.76 -1.00 -12.30
N ASP B 33 -5.55 -1.88 -12.87
CA ASP B 33 -7.02 -1.71 -12.84
C ASP B 33 -7.73 -2.43 -11.72
N LEU B 34 -6.98 -2.88 -10.73
CA LEU B 34 -7.44 -3.64 -9.56
C LEU B 34 -7.90 -5.07 -9.85
N SER B 35 -7.59 -5.61 -11.03
CA SER B 35 -7.84 -7.04 -11.26
C SER B 35 -6.73 -7.91 -10.66
N ASP B 36 -7.07 -9.15 -10.43
CA ASP B 36 -6.14 -10.12 -9.86
C ASP B 36 -5.42 -10.78 -11.00
N VAL B 37 -4.13 -10.94 -10.82
CA VAL B 37 -3.21 -11.52 -11.80
C VAL B 37 -2.48 -12.64 -11.12
N THR B 38 -2.45 -13.82 -11.78
CA THR B 38 -1.78 -14.96 -11.23
C THR B 38 -0.58 -15.37 -12.12
N LEU B 39 0.33 -16.10 -11.50
CA LEU B 39 1.51 -16.59 -12.19
C LEU B 39 1.07 -17.45 -13.39
N GLY B 40 0.00 -18.23 -13.21
CA GLY B 40 -0.54 -19.07 -14.28
C GLY B 40 -1.08 -18.41 -15.51
N GLN B 41 -1.38 -17.14 -15.42
CA GLN B 41 -1.72 -16.37 -16.60
C GLN B 41 -0.52 -16.12 -17.51
N PHE B 42 0.69 -16.45 -17.07
CA PHE B 42 1.87 -16.28 -17.90
C PHE B 42 2.50 -17.62 -18.34
N ALA B 43 1.70 -18.69 -18.27
CA ALA B 43 2.16 -20.07 -18.54
C ALA B 43 2.87 -20.12 -19.88
N GLY B 44 4.05 -20.72 -19.86
CA GLY B 44 4.87 -20.91 -21.07
C GLY B 44 5.77 -19.75 -21.47
N LYS B 45 5.67 -18.61 -20.79
CA LYS B 45 6.52 -17.47 -20.99
C LYS B 45 7.68 -17.51 -19.99
N ARG B 46 8.78 -16.87 -20.32
CA ARG B 46 9.78 -16.63 -19.29
C ARG B 46 9.32 -15.37 -18.58
N LYS B 47 9.52 -15.31 -17.26
CA LYS B 47 9.04 -14.21 -16.41
C LYS B 47 10.22 -13.67 -15.63
N VAL B 48 10.38 -12.36 -15.67
CA VAL B 48 11.25 -11.72 -14.74
C VAL B 48 10.40 -11.07 -13.62
N LEU B 49 10.65 -11.47 -12.39
CA LEU B 49 10.12 -10.72 -11.22
C LEU B 49 11.08 -9.64 -10.79
N ASN B 50 10.68 -8.38 -11.04
CA ASN B 50 11.54 -7.24 -10.77
C ASN B 50 10.93 -6.49 -9.56
N ILE B 51 11.52 -6.75 -8.38
CA ILE B 51 10.89 -6.48 -7.06
C ILE B 51 11.59 -5.29 -6.43
N PHE B 52 10.79 -4.29 -6.04
CA PHE B 52 11.26 -2.97 -5.56
C PHE B 52 10.64 -2.63 -4.16
N PRO B 53 11.41 -1.90 -3.34
CA PRO B 53 10.78 -1.29 -2.15
C PRO B 53 9.70 -0.28 -2.51
N SER B 54 9.95 0.56 -3.50
CA SER B 54 8.90 1.37 -4.06
C SER B 54 9.22 1.65 -5.49
N ILE B 55 8.18 1.76 -6.27
CA ILE B 55 8.30 2.34 -7.62
C ILE B 55 7.68 3.77 -7.68
N ASP B 56 7.48 4.40 -6.52
CA ASP B 56 6.86 5.73 -6.42
C ASP B 56 7.80 6.69 -5.67
N THR B 57 9.04 6.75 -6.11
CA THR B 57 10.08 7.47 -5.38
C THR B 57 10.31 8.87 -5.97
N GLY B 58 9.70 9.14 -7.11
CA GLY B 58 9.84 10.46 -7.77
C GLY B 58 11.14 10.66 -8.53
N VAL B 59 11.98 9.63 -8.59
CA VAL B 59 13.19 9.66 -9.44
C VAL B 59 13.15 8.52 -10.45
N CYS B 60 13.44 8.82 -11.71
CA CYS B 60 13.42 7.81 -12.76
C CYS B 60 14.83 7.35 -13.08
N ALA B 61 15.29 6.31 -12.40
CA ALA B 61 16.64 5.82 -12.62
C ALA B 61 16.69 5.19 -14.04
N ALA B 62 17.64 5.65 -14.87
CA ALA B 62 17.80 5.12 -16.23
C ALA B 62 17.95 3.63 -16.27
N SER B 63 18.64 3.04 -15.28
CA SER B 63 18.96 1.60 -15.33
C SER B 63 17.74 0.72 -15.23
N VAL B 64 16.67 1.23 -14.59
CA VAL B 64 15.42 0.46 -14.46
C VAL B 64 14.74 0.16 -15.82
N ARG B 65 14.42 1.21 -16.57
CA ARG B 65 13.81 1.04 -17.82
C ARG B 65 14.74 0.36 -18.82
N LYS B 66 16.06 0.62 -18.75
CA LYS B 66 16.99 -0.05 -19.64
C LYS B 66 16.91 -1.55 -19.50
N PHE B 67 16.94 -2.05 -18.28
CA PHE B 67 16.82 -3.51 -18.12
C PHE B 67 15.47 -4.05 -18.62
N ASN B 68 14.38 -3.37 -18.24
CA ASN B 68 13.04 -3.78 -18.66
C ASN B 68 12.92 -3.87 -20.17
N GLN B 69 13.53 -2.90 -20.84
CA GLN B 69 13.56 -2.89 -22.28
C GLN B 69 14.39 -4.05 -22.88
N LEU B 70 15.59 -4.28 -22.33
CA LEU B 70 16.46 -5.36 -22.85
C LEU B 70 15.80 -6.72 -22.62
N ALA B 71 15.20 -6.90 -21.46
CA ALA B 71 14.52 -8.15 -21.10
C ALA B 71 13.37 -8.48 -22.05
N THR B 72 12.56 -7.48 -22.38
CA THR B 72 11.41 -7.73 -23.26
C THR B 72 11.71 -7.69 -24.75
N GLU B 73 12.94 -7.33 -25.09
CA GLU B 73 13.38 -7.58 -26.48
C GLU B 73 13.76 -9.03 -26.75
N ILE B 74 13.96 -9.83 -25.71
CA ILE B 74 14.10 -11.29 -25.82
C ILE B 74 12.70 -11.90 -26.04
N ASP B 75 12.54 -12.76 -27.05
CA ASP B 75 11.22 -13.32 -27.32
C ASP B 75 10.61 -14.12 -26.12
N ASN B 76 9.30 -14.05 -26.02
CA ASN B 76 8.51 -14.88 -25.07
C ASN B 76 8.84 -14.58 -23.58
N THR B 77 9.13 -13.29 -23.32
CA THR B 77 9.55 -12.78 -21.97
C THR B 77 8.50 -11.75 -21.51
N VAL B 78 8.15 -11.84 -20.22
CA VAL B 78 7.37 -10.75 -19.57
C VAL B 78 8.12 -10.30 -18.33
N VAL B 79 8.04 -8.99 -18.00
CA VAL B 79 8.66 -8.48 -16.80
C VAL B 79 7.54 -7.96 -15.90
N LEU B 80 7.52 -8.45 -14.68
CA LEU B 80 6.52 -8.12 -13.64
C LEU B 80 7.24 -7.25 -12.60
N CYS B 81 6.92 -5.94 -12.62
CA CYS B 81 7.50 -4.95 -11.69
C CYS B 81 6.63 -4.92 -10.46
N ILE B 82 7.14 -5.40 -9.35
CA ILE B 82 6.29 -5.74 -8.22
C ILE B 82 6.76 -4.85 -7.07
N SER B 83 5.80 -4.33 -6.29
CA SER B 83 6.10 -3.60 -5.06
C SER B 83 4.84 -3.53 -4.21
N ALA B 84 5.01 -2.95 -3.03
CA ALA B 84 3.89 -2.74 -2.10
C ALA B 84 3.12 -1.46 -2.39
N ASP B 85 3.57 -0.64 -3.31
CA ASP B 85 2.82 0.56 -3.72
C ASP B 85 1.40 0.15 -4.19
N LEU B 86 0.36 0.94 -3.88
CA LEU B 86 -0.95 0.62 -4.45
C LEU B 86 -0.96 0.80 -5.96
N PRO B 87 -1.88 0.10 -6.62
CA PRO B 87 -2.05 0.31 -8.05
C PRO B 87 -2.20 1.77 -8.48
N PHE B 88 -2.86 2.61 -7.68
CA PHE B 88 -2.98 4.06 -8.01
C PHE B 88 -1.64 4.77 -8.20
N ALA B 89 -0.66 4.40 -7.37
CA ALA B 89 0.68 4.96 -7.41
C ALA B 89 1.57 4.30 -8.52
N GLN B 90 1.30 3.04 -8.83
CA GLN B 90 2.12 2.29 -9.84
C GLN B 90 1.72 2.65 -11.25
N SER B 91 0.50 3.17 -11.40
CA SER B 91 -0.04 3.41 -12.71
C SER B 91 0.79 4.38 -13.54
N ARG B 92 1.57 5.24 -12.94
CA ARG B 92 2.37 6.18 -13.71
C ARG B 92 3.87 5.82 -13.74
N PHE B 93 4.16 4.53 -13.56
CA PHE B 93 5.54 4.06 -13.57
C PHE B 93 6.23 4.40 -14.89
N CYS B 94 7.51 4.74 -14.82
CA CYS B 94 8.28 5.09 -16.00
C CYS B 94 9.01 3.87 -16.57
N GLY B 95 9.38 2.95 -15.69
CA GLY B 95 10.09 1.75 -16.10
C GLY B 95 9.26 0.88 -17.01
N ALA B 96 7.94 1.09 -17.01
CA ALA B 96 7.03 0.32 -17.84
C ALA B 96 6.46 1.17 -18.95
N GLU B 97 6.69 2.49 -18.92
CA GLU B 97 6.11 3.37 -19.95
C GLU B 97 6.72 3.10 -21.32
N GLY B 98 5.84 2.79 -22.27
CA GLY B 98 6.25 2.68 -23.66
C GLY B 98 6.72 1.29 -23.99
N LEU B 99 6.60 0.37 -23.03
CA LEU B 99 7.13 -0.99 -23.22
C LEU B 99 6.00 -1.97 -23.07
N ASN B 100 5.70 -2.67 -24.14
CA ASN B 100 4.98 -3.90 -23.98
C ASN B 100 5.69 -5.00 -23.18
N ASN B 101 4.85 -5.87 -22.65
CA ASN B 101 5.23 -6.99 -21.81
C ASN B 101 5.95 -6.61 -20.57
N VAL B 102 5.77 -5.35 -20.15
CA VAL B 102 6.18 -4.91 -18.78
C VAL B 102 4.91 -4.47 -18.01
N ILE B 103 4.61 -5.14 -16.90
CA ILE B 103 3.31 -5.01 -16.19
C ILE B 103 3.66 -4.68 -14.74
N THR B 104 2.97 -3.71 -14.11
CA THR B 104 3.19 -3.45 -12.70
C THR B 104 2.14 -4.20 -11.89
N LEU B 105 2.55 -4.70 -10.74
CA LEU B 105 1.73 -5.52 -9.89
C LEU B 105 1.97 -5.08 -8.47
N SER B 106 0.90 -5.03 -7.68
CA SER B 106 1.03 -4.61 -6.26
C SER B 106 0.74 -5.82 -5.34
N THR B 107 1.42 -5.79 -4.22
CA THR B 107 1.23 -6.72 -3.12
C THR B 107 0.24 -6.29 -2.03
N PHE B 108 -0.47 -5.18 -2.20
CA PHE B 108 -1.23 -4.61 -1.01
C PHE B 108 -2.28 -5.49 -0.39
N ARG B 109 -2.82 -6.47 -1.11
CA ARG B 109 -3.73 -7.41 -0.52
C ARG B 109 -3.29 -8.87 -0.60
N ASN B 110 -1.98 -9.03 -0.77
CA ASN B 110 -1.28 -10.32 -1.07
C ASN B 110 0.09 -10.34 -0.38
N ALA B 111 0.12 -9.95 0.88
CA ALA B 111 1.36 -9.87 1.62
C ALA B 111 2.09 -11.19 1.71
N GLU B 112 1.34 -12.29 1.54
CA GLU B 112 1.94 -13.63 1.56
C GLU B 112 2.93 -13.85 0.43
N PHE B 113 2.81 -13.11 -0.67
CA PHE B 113 3.79 -13.18 -1.74
C PHE B 113 5.21 -12.85 -1.25
N LEU B 114 5.33 -11.82 -0.41
CA LEU B 114 6.61 -11.27 -0.01
C LEU B 114 7.26 -12.26 0.93
N GLN B 115 6.46 -12.89 1.81
CA GLN B 115 6.92 -14.03 2.63
C GLN B 115 7.37 -15.21 1.84
N ALA B 116 6.56 -15.65 0.87
CA ALA B 116 6.85 -16.83 0.09
C ALA B 116 8.11 -16.68 -0.75
N TYR B 117 8.35 -15.48 -1.28
CA TYR B 117 9.49 -15.20 -2.15
C TYR B 117 10.73 -14.67 -1.41
N GLY B 118 10.69 -14.65 -0.08
CA GLY B 118 11.87 -14.31 0.74
C GLY B 118 12.31 -12.87 0.54
N VAL B 119 11.33 -11.96 0.37
CA VAL B 119 11.68 -10.56 0.10
C VAL B 119 10.93 -9.56 1.00
N ALA B 120 10.28 -10.04 2.07
CA ALA B 120 9.61 -9.20 3.03
C ALA B 120 10.59 -8.61 4.03
N ILE B 121 10.73 -7.30 3.98
CA ILE B 121 11.54 -6.59 5.02
C ILE B 121 10.84 -6.69 6.37
N ALA B 122 11.58 -7.16 7.37
CA ALA B 122 10.97 -7.55 8.68
C ALA B 122 11.12 -6.52 9.80
N ASP B 123 11.94 -5.53 9.59
CA ASP B 123 12.26 -4.55 10.64
C ASP B 123 12.72 -3.23 10.09
N GLY B 124 12.74 -2.25 11.00
CA GLY B 124 13.21 -0.93 10.68
C GLY B 124 12.11 -0.14 9.97
N PRO B 125 12.46 1.04 9.48
CA PRO B 125 11.46 1.92 8.81
C PRO B 125 10.79 1.37 7.60
N LEU B 126 11.47 0.47 6.87
CA LEU B 126 10.96 -0.14 5.65
C LEU B 126 10.23 -1.44 5.89
N LYS B 127 10.00 -1.79 7.14
CA LYS B 127 9.15 -2.93 7.47
C LYS B 127 7.84 -2.88 6.69
N GLY B 128 7.51 -4.00 6.03
CA GLY B 128 6.28 -4.08 5.25
C GLY B 128 6.50 -3.86 3.76
N LEU B 129 7.65 -3.33 3.39
CA LEU B 129 7.98 -3.12 1.96
C LEU B 129 8.73 -4.40 1.49
N ALA B 130 8.83 -4.54 0.18
CA ALA B 130 9.72 -5.53 -0.43
C ALA B 130 11.16 -5.09 -0.51
N ALA B 131 12.11 -6.02 -0.29
CA ALA B 131 13.51 -5.82 -0.60
C ALA B 131 13.70 -5.69 -2.09
N ARG B 132 14.85 -5.12 -2.49
CA ARG B 132 15.18 -5.11 -3.91
C ARG B 132 15.63 -6.53 -4.33
N ALA B 133 15.00 -7.09 -5.36
CA ALA B 133 15.31 -8.49 -5.79
C ALA B 133 14.92 -8.70 -7.24
N VAL B 134 15.61 -9.65 -7.90
CA VAL B 134 15.25 -10.04 -9.26
C VAL B 134 15.15 -11.58 -9.27
N VAL B 135 14.07 -12.08 -9.79
CA VAL B 135 13.87 -13.51 -9.89
C VAL B 135 13.41 -13.87 -11.29
N VAL B 136 14.15 -14.74 -11.96
CA VAL B 136 13.82 -15.16 -13.33
C VAL B 136 13.25 -16.59 -13.32
N ILE B 137 12.09 -16.76 -13.93
CA ILE B 137 11.37 -18.03 -13.93
C ILE B 137 11.25 -18.46 -15.38
N ASP B 138 11.53 -19.72 -15.66
CA ASP B 138 11.43 -20.21 -17.02
C ASP B 138 10.02 -20.57 -17.45
N GLU B 139 9.88 -21.12 -18.67
CA GLU B 139 8.59 -21.43 -19.29
C GLU B 139 7.77 -22.46 -18.54
N ASN B 140 8.43 -23.34 -17.80
CA ASN B 140 7.76 -24.35 -17.00
C ASN B 140 7.76 -24.03 -15.50
N ASP B 141 7.90 -22.75 -15.17
CA ASP B 141 7.82 -22.27 -13.78
C ASP B 141 8.98 -22.73 -12.86
N ASN B 142 10.11 -23.05 -13.46
CA ASN B 142 11.34 -23.30 -12.67
C ASN B 142 12.16 -22.05 -12.52
N VAL B 143 12.66 -21.78 -11.31
CA VAL B 143 13.49 -20.61 -11.10
C VAL B 143 14.81 -20.88 -11.80
N ILE B 144 15.30 -19.91 -12.56
CA ILE B 144 16.61 -20.06 -13.18
C ILE B 144 17.63 -19.01 -12.79
N PHE B 145 17.21 -17.93 -12.12
CA PHE B 145 18.11 -16.91 -11.55
C PHE B 145 17.38 -16.22 -10.41
N SER B 146 18.11 -15.97 -9.33
CA SER B 146 17.62 -15.10 -8.27
C SER B 146 18.73 -14.33 -7.63
N GLN B 147 18.38 -13.14 -7.21
CA GLN B 147 19.30 -12.28 -6.50
C GLN B 147 18.53 -11.41 -5.50
N LEU B 148 18.93 -11.43 -4.23
CA LEU B 148 18.47 -10.51 -3.22
C LEU B 148 19.56 -9.46 -3.10
N VAL B 149 19.27 -8.23 -3.51
CA VAL B 149 20.32 -7.22 -3.66
C VAL B 149 20.85 -6.77 -2.32
N ASP B 150 22.18 -6.83 -2.14
CA ASP B 150 22.77 -6.61 -0.81
C ASP B 150 22.55 -5.18 -0.24
N GLU B 151 22.58 -4.17 -1.13
CA GLU B 151 22.28 -2.78 -0.77
C GLU B 151 21.03 -2.37 -1.52
N ILE B 152 19.97 -2.09 -0.78
CA ILE B 152 18.61 -1.96 -1.39
C ILE B 152 18.58 -0.84 -2.41
N THR B 153 19.46 0.16 -2.22
CA THR B 153 19.47 1.33 -3.13
C THR B 153 20.39 1.18 -4.35
N THR B 154 20.96 0.01 -4.61
CA THR B 154 21.94 -0.16 -5.70
C THR B 154 21.38 -1.15 -6.69
N GLU B 155 22.04 -1.33 -7.83
CA GLU B 155 21.42 -2.07 -8.95
C GLU B 155 21.55 -3.54 -8.70
N PRO B 156 20.59 -4.35 -9.18
CA PRO B 156 20.78 -5.76 -9.26
C PRO B 156 21.84 -6.07 -10.31
N ASP B 157 22.27 -7.33 -10.34
CA ASP B 157 23.15 -7.83 -11.46
C ASP B 157 22.37 -8.12 -12.72
N TYR B 158 22.04 -7.05 -13.41
CA TYR B 158 21.17 -7.12 -14.56
C TYR B 158 21.84 -7.92 -15.67
N GLU B 159 23.15 -7.81 -15.73
CA GLU B 159 23.86 -8.45 -16.82
C GLU B 159 23.71 -9.98 -16.71
N ALA B 160 23.78 -10.45 -15.47
CA ALA B 160 23.67 -11.87 -15.12
C ALA B 160 22.26 -12.38 -15.34
N ALA B 161 21.26 -11.61 -14.90
CA ALA B 161 19.87 -11.91 -15.23
C ALA B 161 19.57 -11.99 -16.73
N LEU B 162 20.03 -11.01 -17.50
CA LEU B 162 19.86 -11.04 -18.92
C LEU B 162 20.57 -12.23 -19.59
N ALA B 163 21.75 -12.61 -19.08
CA ALA B 163 22.46 -13.77 -19.65
C ALA B 163 21.64 -15.04 -19.48
N VAL B 164 21.03 -15.24 -18.31
CA VAL B 164 20.20 -16.44 -18.10
C VAL B 164 18.98 -16.48 -19.03
N LEU B 165 18.40 -15.30 -19.24
CA LEU B 165 17.21 -15.12 -20.03
C LEU B 165 17.41 -15.52 -21.44
N LYS B 166 18.60 -15.29 -21.97
CA LYS B 166 18.91 -15.59 -23.35
C LYS B 166 19.30 -17.03 -23.47
N ALA B 167 19.95 -17.58 -22.44
CA ALA B 167 20.61 -18.89 -22.51
C ALA B 167 19.63 -19.96 -22.06
C1 CIT C . -15.15 13.72 0.39
O1 CIT C . -14.96 12.63 1.04
O2 CIT C . -15.35 14.86 0.93
C2 CIT C . -15.03 13.65 -1.09
C3 CIT C . -15.59 12.33 -1.59
O7 CIT C . -17.01 12.46 -1.26
C4 CIT C . -15.34 12.19 -3.10
C5 CIT C . -16.11 13.24 -3.90
O3 CIT C . -17.24 13.69 -3.54
O4 CIT C . -15.61 13.67 -4.99
C6 CIT C . -15.01 11.05 -0.97
O5 CIT C . -13.75 10.85 -0.99
O6 CIT C . -15.85 10.20 -0.52
C1 CIT D . 17.62 -0.12 -10.23
O1 CIT D . 17.21 -1.08 -9.51
O2 CIT D . 17.99 -0.30 -11.46
C2 CIT D . 17.66 1.25 -9.62
C3 CIT D . 18.09 1.22 -8.17
O7 CIT D . 19.33 0.48 -8.09
C4 CIT D . 18.22 2.64 -7.58
C5 CIT D . 19.39 3.44 -8.18
O3 CIT D . 20.49 2.88 -8.46
O4 CIT D . 19.25 4.66 -8.41
C6 CIT D . 17.09 0.39 -7.35
O5 CIT D . 15.85 0.64 -7.43
O6 CIT D . 17.57 -0.53 -6.60
#